data_5LA7
#
_entry.id   5LA7
#
_cell.length_a   50.410
_cell.length_b   88.020
_cell.length_c   118.200
_cell.angle_alpha   90.00
_cell.angle_beta   90.00
_cell.angle_gamma   90.00
#
_symmetry.space_group_name_H-M   'P 21 21 21'
#
loop_
_entity.id
_entity.type
_entity.pdbx_description
1 polymer Heparanase
2 branched 2-acetamido-2-deoxy-beta-D-glucopyranose-(1-4)-[alpha-L-fucopyranose-(1-6)]2-acetamido-2-deoxy-beta-D-glucopyranose
3 non-polymer 2-acetamido-2-deoxy-beta-D-glucopyranose
4 non-polymer 1,2-ETHANEDIOL
5 non-polymer '(1~{S},2~{R},3~{S},4~{S},5~{S},6~{R})-2-(8-azidooctylamino)-3,4,5,6-tetrakis(oxidanyl)cyclohexane-1-carboxylic acid'
6 water water
#
_entity_poly.entity_id   1
_entity_poly.type   'polypeptide(L)'
_entity_poly.pdbx_seq_one_letter_code
;GQDVVDLDFFTQEPLHLVSPSFLSVTIDANLATDPRFLILLGSPKLRTLARGLSPAYLRFGGTKTDFLIFDPKKESTFEE
RSYWQSQVNQDICKYGSIPPDVEEKLRLEWPYQEQLLLREHYQKKFKNSTYSRSSVDVLYTFANCSGLDLIFGLNALLRT
ADLQWNSSNAQLLLDYCSSKGYNISWELGNEPNSFLKKADIFINGSQLGEDFIQLHKLLRKSTFKNAKLYGPDVGQPRRK
TAKMLKSFLKAGGEVIDSVTWHHYYLNGRTATREDFLNPDVLDIFISSVQKVFQVVESTRPGKKVWLGETSSAYGGGAPL
LSDTFAAGFMWLDKLGLSARMGIEVVMRQVFFGAGNYHLVDENFDPLPDYWLSLLFKKLVGTKVLMASVQGSKRRKLRVY
LHCTNTDNPRYKEGDLTLYAINLHNVTKYLRLPYPFSNKQVDKYLLRPLGPHGLLSKSVQLNGLTLKMVDDQTLPPLMEK
PLRPGSSLGLPAFSYSFFVIRNAKVAACI
;
_entity_poly.pdbx_strand_id   A
#
loop_
_chem_comp.id
_chem_comp.type
_chem_comp.name
_chem_comp.formula
6S6 non-polymer '(1~{S},2~{R},3~{S},4~{S},5~{S},6~{R})-2-(8-azidooctylamino)-3,4,5,6-tetrakis(oxidanyl)cyclohexane-1-carboxylic acid' 'C15 H28 N4 O6'
EDO non-polymer 1,2-ETHANEDIOL 'C2 H6 O2'
FUC L-saccharide, alpha linking alpha-L-fucopyranose 'C6 H12 O5'
NAG D-saccharide, beta linking 2-acetamido-2-deoxy-beta-D-glucopyranose 'C8 H15 N O6'
#
# COMPACT_ATOMS: atom_id res chain seq x y z
N GLN A 2 -6.84 -36.29 9.14
CA GLN A 2 -7.84 -35.33 9.67
C GLN A 2 -7.47 -33.88 9.31
N ASP A 3 -8.34 -33.31 8.50
CA ASP A 3 -8.21 -31.98 7.97
C ASP A 3 -9.10 -30.97 8.71
N VAL A 4 -9.49 -31.28 9.95
CA VAL A 4 -10.35 -30.45 10.78
C VAL A 4 -9.49 -29.82 11.88
N VAL A 5 -9.34 -28.51 11.81
CA VAL A 5 -8.52 -27.73 12.73
C VAL A 5 -9.39 -26.90 13.66
N ASP A 6 -9.06 -26.92 14.94
CA ASP A 6 -9.80 -26.16 15.94
C ASP A 6 -9.15 -24.79 16.09
N LEU A 7 -9.96 -23.75 16.15
CA LEU A 7 -9.43 -22.40 16.37
C LEU A 7 -9.61 -22.00 17.81
N ASP A 8 -8.66 -21.22 18.32
CA ASP A 8 -8.83 -20.46 19.53
C ASP A 8 -8.87 -19.00 19.16
N PHE A 9 -9.72 -18.26 19.88
CA PHE A 9 -9.92 -16.82 19.75
C PHE A 9 -9.60 -16.10 21.07
N PHE A 10 -9.00 -14.93 20.96
CA PHE A 10 -8.60 -14.08 22.09
C PHE A 10 -9.23 -12.73 21.84
N THR A 11 -10.38 -12.54 22.46
CA THR A 11 -11.25 -11.39 22.14
C THR A 11 -11.48 -10.39 23.28
N GLN A 12 -10.66 -10.46 24.31
CA GLN A 12 -10.93 -9.74 25.56
C GLN A 12 -10.55 -8.28 25.40
N GLU A 13 -9.48 -8.03 24.65
CA GLU A 13 -9.13 -6.68 24.29
C GLU A 13 -8.30 -6.62 23.01
N PRO A 14 -8.35 -5.48 22.33
CA PRO A 14 -7.52 -5.37 21.10
C PRO A 14 -6.04 -5.52 21.42
N LEU A 15 -5.29 -6.27 20.62
CA LEU A 15 -3.83 -6.20 20.71
C LEU A 15 -3.30 -4.87 20.21
N HIS A 16 -3.92 -4.33 19.17
CA HIS A 16 -3.51 -3.08 18.54
C HIS A 16 -4.73 -2.46 17.86
N LEU A 17 -4.62 -1.19 17.56
CA LEU A 17 -5.60 -0.45 16.82
C LEU A 17 -4.84 0.02 15.59
N VAL A 18 -5.23 -0.45 14.42
CA VAL A 18 -4.62 0.05 13.18
C VAL A 18 -5.38 1.30 12.74
N SER A 19 -4.77 2.07 11.87
CA SER A 19 -5.43 3.22 11.28
C SER A 19 -6.62 2.75 10.42
N PRO A 20 -7.69 3.55 10.34
CA PRO A 20 -8.67 3.29 9.28
C PRO A 20 -8.06 3.18 7.89
N SER A 21 -6.96 3.89 7.69
CA SER A 21 -6.19 3.86 6.47
C SER A 21 -5.11 2.78 6.43
N PHE A 22 -5.25 1.74 7.27
CA PHE A 22 -4.28 0.66 7.39
C PHE A 22 -3.77 0.11 6.01
N LEU A 23 -4.72 -0.17 5.12
CA LEU A 23 -4.43 -0.64 3.77
C LEU A 23 -4.35 0.59 2.87
N SER A 24 -3.13 1.03 2.64
CA SER A 24 -2.84 2.21 1.87
C SER A 24 -2.07 1.80 0.61
N VAL A 25 -1.72 2.79 -0.22
CA VAL A 25 -1.15 2.50 -1.54
C VAL A 25 -0.11 3.54 -1.92
N THR A 26 0.73 3.18 -2.91
CA THR A 26 1.68 4.12 -3.49
C THR A 26 1.41 4.35 -4.98
N ILE A 27 1.86 5.49 -5.49
CA ILE A 27 2.10 5.67 -6.92
C ILE A 27 3.55 6.01 -6.96
N ASP A 28 4.35 5.25 -7.72
CA ASP A 28 5.76 5.49 -7.80
C ASP A 28 6.03 6.87 -8.41
N ALA A 29 6.99 7.56 -7.79
CA ALA A 29 7.52 8.83 -8.29
C ALA A 29 7.99 8.81 -9.76
N ASN A 30 8.38 7.64 -10.25
CA ASN A 30 8.83 7.55 -11.64
C ASN A 30 7.73 7.80 -12.67
N LEU A 31 6.45 7.81 -12.25
CA LEU A 31 5.37 8.22 -13.16
C LEU A 31 5.49 9.67 -13.61
N ALA A 32 6.23 10.47 -12.84
CA ALA A 32 6.54 11.84 -13.23
C ALA A 32 7.78 12.00 -14.16
N THR A 33 8.61 10.97 -14.33
CA THR A 33 9.86 11.08 -15.12
C THR A 33 9.56 11.75 -16.45
N ASP A 34 8.58 11.21 -17.16
CA ASP A 34 7.89 11.97 -18.18
C ASP A 34 6.48 12.27 -17.62
N PRO A 35 6.24 13.52 -17.15
CA PRO A 35 4.97 13.88 -16.49
C PRO A 35 3.69 13.76 -17.31
N ARG A 36 3.80 13.60 -18.62
CA ARG A 36 2.62 13.31 -19.45
C ARG A 36 1.80 12.15 -18.88
N PHE A 37 2.48 11.15 -18.33
CA PHE A 37 1.83 9.91 -17.92
C PHE A 37 1.03 10.04 -16.61
N LEU A 38 1.27 11.11 -15.87
CA LEU A 38 0.43 11.49 -14.74
C LEU A 38 -1.02 11.76 -15.20
N ILE A 39 -1.22 12.15 -16.48
CA ILE A 39 -2.56 12.42 -17.02
C ILE A 39 -3.44 11.19 -17.02
N LEU A 40 -2.80 10.00 -17.02
CA LEU A 40 -3.49 8.75 -16.82
C LEU A 40 -4.34 8.69 -15.54
N LEU A 41 -3.95 9.43 -14.51
CA LEU A 41 -4.67 9.49 -13.24
C LEU A 41 -6.01 10.26 -13.36
N GLY A 42 -6.24 10.90 -14.51
CA GLY A 42 -7.51 11.55 -14.82
C GLY A 42 -8.62 10.60 -15.23
N SER A 43 -8.32 9.32 -15.43
CA SER A 43 -9.31 8.30 -15.75
C SER A 43 -10.37 8.17 -14.62
N PRO A 44 -11.66 8.23 -15.01
CA PRO A 44 -12.79 7.92 -14.12
C PRO A 44 -12.77 6.48 -13.66
N LYS A 45 -12.32 5.57 -14.54
CA LYS A 45 -12.19 4.17 -14.18
C LYS A 45 -11.20 4.04 -13.03
N LEU A 46 -10.06 4.73 -13.17
CA LEU A 46 -9.04 4.73 -12.14
C LEU A 46 -9.56 5.31 -10.84
N ARG A 47 -10.26 6.44 -10.91
N ARG A 47 -10.28 6.42 -10.93
CA ARG A 47 -10.89 7.03 -9.73
CA ARG A 47 -10.93 7.05 -9.79
C ARG A 47 -11.86 6.06 -9.03
C ARG A 47 -11.90 6.12 -9.05
N THR A 48 -12.73 5.41 -9.80
CA THR A 48 -13.71 4.47 -9.25
C THR A 48 -13.00 3.43 -8.38
N LEU A 49 -11.89 2.92 -8.90
CA LEU A 49 -11.13 1.92 -8.25
C LEU A 49 -10.45 2.47 -7.00
N ALA A 50 -9.88 3.67 -7.09
CA ALA A 50 -9.15 4.28 -5.98
C ALA A 50 -10.09 4.56 -4.82
N ARG A 51 -11.23 5.19 -5.15
CA ARG A 51 -12.33 5.38 -4.20
C ARG A 51 -12.77 4.16 -3.41
N GLY A 52 -12.74 2.99 -4.03
CA GLY A 52 -13.07 1.77 -3.31
C GLY A 52 -12.16 1.46 -2.12
N LEU A 53 -10.94 1.99 -2.18
CA LEU A 53 -9.91 1.81 -1.13
C LEU A 53 -9.84 2.94 -0.11
N SER A 54 -10.66 3.98 -0.23
CA SER A 54 -10.78 5.05 0.77
C SER A 54 -11.43 4.48 2.04
N PRO A 55 -10.98 4.82 3.24
CA PRO A 55 -9.86 5.72 3.49
C PRO A 55 -8.49 5.09 3.27
N ALA A 56 -7.58 5.89 2.71
CA ALA A 56 -6.22 5.46 2.52
C ALA A 56 -5.28 6.62 2.25
N TYR A 57 -4.04 6.41 2.65
CA TYR A 57 -2.97 7.22 2.17
C TYR A 57 -2.58 6.83 0.75
N LEU A 58 -2.18 7.83 -0.02
CA LEU A 58 -1.56 7.63 -1.31
C LEU A 58 -0.20 8.29 -1.23
N ARG A 59 0.84 7.47 -1.28
CA ARG A 59 2.21 7.93 -1.18
C ARG A 59 2.75 8.08 -2.60
N PHE A 60 3.03 9.32 -3.00
CA PHE A 60 3.82 9.61 -4.20
C PHE A 60 5.31 9.61 -3.87
N GLY A 61 5.97 8.54 -4.25
CA GLY A 61 7.32 8.33 -3.82
C GLY A 61 7.91 7.09 -4.40
N GLY A 62 9.23 7.04 -4.42
CA GLY A 62 9.98 6.00 -5.09
C GLY A 62 11.43 6.46 -5.28
N THR A 63 12.21 5.64 -5.94
CA THR A 63 13.61 5.97 -6.22
C THR A 63 13.78 7.35 -6.83
N LYS A 64 12.90 7.68 -7.77
CA LYS A 64 12.85 8.98 -8.43
C LYS A 64 12.57 10.18 -7.53
N THR A 65 11.99 9.96 -6.36
CA THR A 65 11.78 11.00 -5.35
C THR A 65 13.01 11.91 -5.23
N ASP A 66 14.20 11.30 -5.18
CA ASP A 66 15.46 12.02 -4.98
C ASP A 66 16.18 12.47 -6.28
N PHE A 67 15.46 12.38 -7.39
CA PHE A 67 15.89 12.84 -8.70
C PHE A 67 14.76 13.61 -9.39
N LEU A 68 13.88 14.24 -8.60
CA LEU A 68 12.81 15.11 -9.13
C LEU A 68 12.93 16.51 -8.55
N ILE A 69 12.77 17.52 -9.40
CA ILE A 69 12.93 18.92 -9.07
C ILE A 69 11.68 19.71 -9.48
N PHE A 70 11.07 20.40 -8.53
CA PHE A 70 9.97 21.31 -8.82
C PHE A 70 10.40 22.57 -9.59
N ASP A 71 9.78 22.79 -10.75
CA ASP A 71 10.05 23.94 -11.59
C ASP A 71 8.71 24.59 -11.95
N PRO A 72 8.35 25.67 -11.22
CA PRO A 72 7.13 26.42 -11.58
C PRO A 72 7.12 26.95 -13.00
N LYS A 73 8.29 27.19 -13.59
CA LYS A 73 8.38 27.74 -14.94
C LYS A 73 8.25 26.68 -16.03
N LYS A 74 8.26 25.41 -15.65
CA LYS A 74 8.37 24.32 -16.63
C LYS A 74 7.25 24.34 -17.64
N GLU A 75 7.58 23.93 -18.85
CA GLU A 75 6.70 24.10 -19.97
C GLU A 75 5.85 22.85 -20.09
N SER A 76 4.60 23.04 -20.52
CA SER A 76 3.62 21.96 -20.58
C SER A 76 3.61 21.30 -21.94
N THR A 77 3.17 20.05 -22.00
CA THR A 77 3.05 19.34 -23.28
C THR A 77 1.65 19.48 -23.81
N PHE A 78 1.49 19.08 -25.06
CA PHE A 78 0.20 19.02 -25.70
C PHE A 78 -0.81 18.27 -24.82
N GLU A 79 -0.39 17.12 -24.29
CA GLU A 79 -1.24 16.23 -23.52
C GLU A 79 -1.75 16.91 -22.29
N GLU A 80 -0.87 17.62 -21.58
CA GLU A 80 -1.27 18.29 -20.34
C GLU A 80 -2.19 19.46 -20.58
N ARG A 81 -1.85 20.28 -21.57
CA ARG A 81 -2.68 21.44 -21.87
C ARG A 81 -4.08 21.01 -22.28
N SER A 82 -4.14 19.94 -23.06
CA SER A 82 -5.41 19.41 -23.52
C SER A 82 -6.26 18.83 -22.37
N TYR A 83 -5.59 18.12 -21.45
CA TYR A 83 -6.27 17.53 -20.29
C TYR A 83 -6.91 18.64 -19.47
N TRP A 84 -6.09 19.65 -19.16
CA TRP A 84 -6.54 20.73 -18.30
C TRP A 84 -7.59 21.64 -18.96
N GLN A 85 -7.40 21.97 -20.23
CA GLN A 85 -8.42 22.71 -20.99
C GLN A 85 -9.79 22.01 -20.94
N SER A 86 -9.83 20.69 -21.01
CA SER A 86 -11.12 19.97 -20.99
C SER A 86 -11.76 19.85 -19.59
N GLN A 87 -11.00 20.08 -18.52
CA GLN A 87 -11.56 20.11 -17.16
C GLN A 87 -12.22 21.44 -16.78
N VAL A 88 -12.11 22.47 -17.60
CA VAL A 88 -12.58 23.78 -17.17
C VAL A 88 -14.12 23.81 -17.09
N ASN A 89 -14.63 24.53 -16.08
CA ASN A 89 -16.08 24.73 -15.83
C ASN A 89 -16.86 23.50 -15.46
N GLN A 90 -16.17 22.52 -14.88
CA GLN A 90 -16.79 21.26 -14.60
C GLN A 90 -16.24 20.78 -13.28
N ASP A 91 -17.07 20.05 -12.56
CA ASP A 91 -16.66 19.41 -11.33
C ASP A 91 -15.75 18.23 -11.69
N ILE A 92 -14.45 18.48 -11.58
CA ILE A 92 -13.39 17.50 -11.91
C ILE A 92 -13.58 16.13 -11.19
N CYS A 93 -14.02 16.14 -9.93
CA CYS A 93 -14.20 14.90 -9.17
C CYS A 93 -15.39 14.11 -9.68
N LYS A 94 -16.43 14.81 -10.11
CA LYS A 94 -17.64 14.15 -10.63
C LYS A 94 -17.46 13.72 -12.07
N TYR A 95 -16.96 14.65 -12.85
CA TYR A 95 -17.06 14.56 -14.31
C TYR A 95 -15.71 14.55 -15.04
N GLY A 96 -14.59 14.69 -14.32
CA GLY A 96 -13.30 14.76 -15.01
C GLY A 96 -13.01 13.50 -15.80
N SER A 97 -12.51 13.63 -17.02
CA SER A 97 -11.98 12.53 -17.80
C SER A 97 -10.79 13.01 -18.67
N ILE A 98 -10.18 12.11 -19.42
CA ILE A 98 -9.04 12.43 -20.31
C ILE A 98 -9.61 12.58 -21.74
N PRO A 99 -9.25 13.66 -22.47
CA PRO A 99 -9.63 13.66 -23.91
C PRO A 99 -9.27 12.33 -24.59
N PRO A 100 -10.17 11.78 -25.44
CA PRO A 100 -9.92 10.45 -26.00
C PRO A 100 -8.63 10.31 -26.82
N ASP A 101 -8.26 11.36 -27.55
CA ASP A 101 -7.02 11.40 -28.35
C ASP A 101 -5.81 11.29 -27.44
N VAL A 102 -5.83 12.02 -26.32
CA VAL A 102 -4.76 12.00 -25.35
C VAL A 102 -4.69 10.66 -24.69
N GLU A 103 -5.84 10.12 -24.25
CA GLU A 103 -5.88 8.77 -23.62
C GLU A 103 -5.36 7.68 -24.54
N GLU A 104 -5.79 7.69 -25.79
CA GLU A 104 -5.29 6.74 -26.77
C GLU A 104 -3.78 6.92 -27.01
N LYS A 105 -3.31 8.15 -27.14
CA LYS A 105 -1.87 8.39 -27.33
C LYS A 105 -1.04 7.83 -26.17
N LEU A 106 -1.48 8.09 -24.94
CA LEU A 106 -0.74 7.65 -23.78
C LEU A 106 -0.84 6.16 -23.56
N ARG A 107 -1.96 5.53 -23.91
CA ARG A 107 -2.04 4.07 -23.83
C ARG A 107 -1.14 3.37 -24.87
N LEU A 108 -0.99 3.97 -26.05
CA LEU A 108 -0.07 3.47 -27.07
C LEU A 108 1.39 3.59 -26.61
N GLU A 109 1.74 4.68 -25.93
CA GLU A 109 3.14 4.91 -25.49
C GLU A 109 3.55 4.19 -24.21
N TRP A 110 2.57 3.83 -23.39
CA TRP A 110 2.81 3.34 -22.05
C TRP A 110 3.65 2.06 -21.96
N PRO A 111 3.37 1.04 -22.77
CA PRO A 111 4.28 -0.14 -22.71
C PRO A 111 5.80 0.14 -22.91
N TYR A 112 6.14 0.99 -23.86
CA TYR A 112 7.51 1.48 -24.02
C TYR A 112 7.94 2.22 -22.75
N GLN A 113 7.15 3.19 -22.32
CA GLN A 113 7.46 3.95 -21.11
C GLN A 113 7.66 3.00 -19.93
N GLU A 114 6.82 1.98 -19.82
CA GLU A 114 6.92 1.04 -18.72
C GLU A 114 8.28 0.33 -18.81
N GLN A 115 8.65 -0.13 -20.00
CA GLN A 115 9.96 -0.79 -20.16
C GLN A 115 11.14 0.08 -19.78
N LEU A 116 11.07 1.34 -20.19
CA LEU A 116 12.07 2.30 -19.83
C LEU A 116 12.17 2.51 -18.31
N LEU A 117 11.03 2.71 -17.66
CA LEU A 117 11.00 2.93 -16.20
C LEU A 117 11.52 1.72 -15.47
N LEU A 118 11.11 0.54 -15.89
CA LEU A 118 11.61 -0.70 -15.27
C LEU A 118 13.12 -0.93 -15.43
N ARG A 119 13.68 -0.52 -16.55
CA ARG A 119 15.08 -0.71 -16.82
C ARG A 119 15.93 0.31 -16.08
N GLU A 120 15.37 1.48 -15.78
CA GLU A 120 16.07 2.48 -14.96
C GLU A 120 16.46 1.91 -13.57
N HIS A 121 15.71 0.93 -13.04
CA HIS A 121 16.10 0.11 -11.86
C HIS A 121 17.51 -0.40 -12.03
N TYR A 122 17.68 -1.32 -13.00
CA TYR A 122 18.92 -2.06 -13.21
C TYR A 122 19.94 -1.27 -14.04
N GLN A 123 19.61 -0.03 -14.43
CA GLN A 123 20.58 0.90 -14.99
C GLN A 123 21.45 1.45 -13.87
N LYS A 124 22.73 1.67 -14.20
CA LYS A 124 23.70 2.22 -13.27
C LYS A 124 23.46 3.72 -13.13
N LYS A 125 23.19 4.40 -14.26
CA LYS A 125 22.94 5.85 -14.30
C LYS A 125 21.52 6.27 -13.81
N PHE A 126 21.44 7.49 -13.24
CA PHE A 126 20.21 8.07 -12.68
C PHE A 126 20.12 9.56 -12.89
N LYS A 127 19.15 10.03 -13.66
CA LYS A 127 19.08 11.44 -14.03
C LYS A 127 17.96 12.21 -13.32
N ASN A 128 18.18 13.52 -13.21
CA ASN A 128 17.19 14.48 -12.74
C ASN A 128 16.14 14.78 -13.76
N SER A 129 14.93 15.07 -13.29
CA SER A 129 13.83 15.57 -14.11
C SER A 129 13.10 16.65 -13.34
N THR A 130 12.47 17.55 -14.07
CA THR A 130 11.65 18.56 -13.45
C THR A 130 10.18 18.19 -13.62
N TYR A 131 9.34 18.78 -12.76
CA TYR A 131 7.90 18.69 -12.87
C TYR A 131 7.28 20.04 -12.55
N SER A 132 6.12 20.27 -13.15
CA SER A 132 5.44 21.54 -13.07
C SER A 132 4.35 21.57 -12.00
N ARG A 133 3.74 22.74 -11.89
CA ARG A 133 2.57 22.92 -11.05
C ARG A 133 1.42 22.03 -11.51
N SER A 134 1.25 21.92 -12.82
CA SER A 134 0.25 21.08 -13.46
C SER A 134 0.37 19.62 -12.97
N SER A 135 1.59 19.10 -12.93
CA SER A 135 1.86 17.75 -12.42
C SER A 135 1.40 17.61 -10.97
N VAL A 136 1.75 18.57 -10.12
CA VAL A 136 1.31 18.54 -8.72
C VAL A 136 -0.22 18.54 -8.64
N ASP A 137 -0.85 19.43 -9.42
CA ASP A 137 -2.30 19.54 -9.49
C ASP A 137 -3.00 18.27 -9.89
N VAL A 138 -2.46 17.53 -10.88
CA VAL A 138 -3.02 16.25 -11.32
C VAL A 138 -3.07 15.25 -10.14
N LEU A 139 -1.94 15.17 -9.44
CA LEU A 139 -1.76 14.29 -8.30
C LEU A 139 -2.65 14.62 -7.12
N TYR A 140 -2.66 15.90 -6.75
CA TYR A 140 -3.57 16.34 -5.69
C TYR A 140 -5.05 16.04 -6.01
N THR A 141 -5.47 16.43 -7.21
CA THR A 141 -6.88 16.24 -7.59
C THR A 141 -7.25 14.77 -7.67
N PHE A 142 -6.37 13.90 -8.19
CA PHE A 142 -6.63 12.46 -8.17
C PHE A 142 -6.83 11.94 -6.74
N ALA A 143 -5.96 12.37 -5.81
CA ALA A 143 -6.05 11.88 -4.43
C ALA A 143 -7.32 12.43 -3.78
N ASN A 144 -7.52 13.74 -3.89
CA ASN A 144 -8.67 14.39 -3.26
C ASN A 144 -9.96 13.84 -3.83
N CYS A 145 -10.05 13.69 -5.14
CA CYS A 145 -11.29 13.19 -5.76
C CYS A 145 -11.57 11.75 -5.43
N SER A 146 -10.51 11.01 -5.08
CA SER A 146 -10.65 9.60 -4.81
C SER A 146 -10.81 9.33 -3.30
N GLY A 147 -10.80 10.39 -2.49
CA GLY A 147 -10.87 10.28 -1.03
C GLY A 147 -9.62 9.74 -0.38
N LEU A 148 -8.47 10.00 -0.99
CA LEU A 148 -7.20 9.53 -0.49
C LEU A 148 -6.40 10.68 0.08
N ASP A 149 -5.56 10.38 1.04
CA ASP A 149 -4.66 11.40 1.64
C ASP A 149 -3.25 11.38 1.05
N LEU A 150 -2.89 12.43 0.35
CA LEU A 150 -1.59 12.46 -0.38
C LEU A 150 -0.43 12.61 0.55
N ILE A 151 0.56 11.75 0.38
CA ILE A 151 1.85 11.91 1.05
C ILE A 151 2.83 12.12 -0.08
N PHE A 152 3.57 13.22 -0.03
CA PHE A 152 4.50 13.60 -1.14
C PHE A 152 5.95 13.56 -0.68
N GLY A 153 6.75 12.74 -1.36
CA GLY A 153 8.14 12.55 -1.01
C GLY A 153 8.96 13.67 -1.64
N LEU A 154 9.77 14.35 -0.83
CA LEU A 154 10.64 15.44 -1.26
C LEU A 154 12.07 14.95 -1.53
N ASN A 155 12.74 15.67 -2.41
CA ASN A 155 14.07 15.30 -2.89
C ASN A 155 15.10 15.63 -1.81
N ALA A 156 15.75 14.58 -1.31
CA ALA A 156 16.75 14.66 -0.24
C ALA A 156 18.20 14.75 -0.76
N LEU A 157 18.41 14.57 -2.08
CA LEU A 157 19.74 14.70 -2.67
C LEU A 157 20.06 16.09 -3.22
N LEU A 158 19.23 17.09 -2.96
CA LEU A 158 19.61 18.47 -3.15
C LEU A 158 20.45 18.85 -1.94
N ARG A 159 21.74 19.13 -2.16
CA ARG A 159 22.72 19.27 -1.09
C ARG A 159 23.52 20.57 -1.17
N THR A 160 23.91 21.09 0.00
CA THR A 160 24.81 22.25 0.07
C THR A 160 26.23 21.74 -0.12
N ALA A 161 27.19 22.67 -0.11
CA ALA A 161 28.60 22.36 -0.26
C ALA A 161 29.04 21.28 0.73
N ASP A 162 28.68 21.49 1.99
CA ASP A 162 29.05 20.54 3.07
C ASP A 162 27.95 19.52 3.38
N LEU A 163 27.20 19.10 2.37
CA LEU A 163 26.25 17.97 2.54
C LEU A 163 25.14 18.15 3.62
N GLN A 164 24.66 19.38 3.81
CA GLN A 164 23.34 19.58 4.40
C GLN A 164 22.30 19.63 3.29
N TRP A 165 21.08 19.25 3.66
CA TRP A 165 19.95 19.32 2.76
C TRP A 165 19.69 20.77 2.45
N ASN A 166 19.63 21.08 1.17
CA ASN A 166 19.29 22.41 0.72
C ASN A 166 17.80 22.43 0.44
N SER A 167 17.08 23.21 1.24
CA SER A 167 15.63 23.21 1.25
C SER A 167 14.97 24.23 0.34
N SER A 168 15.71 24.84 -0.57
CA SER A 168 15.13 25.91 -1.38
C SER A 168 14.09 25.41 -2.40
N ASN A 169 14.34 24.27 -3.03
CA ASN A 169 13.35 23.71 -3.97
C ASN A 169 12.06 23.30 -3.23
N ALA A 170 12.22 22.53 -2.18
CA ALA A 170 11.08 22.16 -1.35
C ALA A 170 10.27 23.39 -0.88
N GLN A 171 10.96 24.46 -0.49
CA GLN A 171 10.28 25.72 -0.15
C GLN A 171 9.44 26.30 -1.28
N LEU A 172 9.93 26.26 -2.51
CA LEU A 172 9.10 26.66 -3.67
C LEU A 172 7.80 25.86 -3.77
N LEU A 173 7.90 24.54 -3.52
CA LEU A 173 6.75 23.64 -3.62
C LEU A 173 5.71 23.87 -2.53
N LEU A 174 6.19 23.96 -1.28
CA LEU A 174 5.36 24.22 -0.12
C LEU A 174 4.66 25.54 -0.22
N ASP A 175 5.38 26.55 -0.71
CA ASP A 175 4.77 27.82 -1.04
C ASP A 175 3.66 27.63 -2.06
N TYR A 176 3.93 26.88 -3.12
CA TYR A 176 2.90 26.66 -4.14
C TYR A 176 1.69 25.91 -3.60
N CYS A 177 1.94 24.83 -2.84
CA CYS A 177 0.85 24.04 -2.25
C CYS A 177 -0.01 24.85 -1.23
N SER A 178 0.65 25.66 -0.40
CA SER A 178 -0.02 26.64 0.47
C SER A 178 -0.94 27.54 -0.32
N SER A 179 -0.39 28.17 -1.35
CA SER A 179 -1.14 29.11 -2.14
C SER A 179 -2.37 28.48 -2.78
N LYS A 180 -2.39 27.16 -2.94
CA LYS A 180 -3.55 26.43 -3.50
C LYS A 180 -4.55 25.82 -2.49
N GLY A 181 -4.20 25.85 -1.21
CA GLY A 181 -5.03 25.24 -0.17
C GLY A 181 -4.90 23.73 -0.10
N TYR A 182 -3.78 23.19 -0.57
CA TYR A 182 -3.58 21.74 -0.56
C TYR A 182 -3.29 21.14 0.83
N ASN A 183 -4.08 20.13 1.23
CA ASN A 183 -3.86 19.38 2.47
C ASN A 183 -2.98 18.22 2.06
N ILE A 184 -1.67 18.32 2.28
CA ILE A 184 -0.70 17.26 1.87
C ILE A 184 0.21 16.93 3.05
N SER A 185 0.61 15.68 3.19
CA SER A 185 1.60 15.29 4.18
C SER A 185 2.91 15.03 3.46
N TRP A 186 4.04 14.97 4.20
CA TRP A 186 5.35 14.95 3.55
C TRP A 186 6.28 13.89 4.02
N GLU A 187 7.19 13.54 3.11
CA GLU A 187 8.36 12.76 3.40
C GLU A 187 9.56 13.48 2.78
N LEU A 188 10.72 13.01 3.17
CA LEU A 188 11.98 13.48 2.62
C LEU A 188 12.91 12.31 2.37
N GLY A 189 13.17 12.04 1.10
CA GLY A 189 14.01 10.92 0.69
C GLY A 189 13.33 9.56 0.64
N ASN A 190 13.83 8.72 -0.25
CA ASN A 190 13.41 7.36 -0.40
C ASN A 190 14.62 6.46 -0.27
N GLU A 191 14.58 5.48 0.63
CA GLU A 191 15.69 4.52 0.83
C GLU A 191 17.12 5.20 0.83
N PRO A 192 17.35 6.13 1.77
CA PRO A 192 18.63 6.83 1.95
C PRO A 192 19.82 5.88 2.18
N ASN A 193 19.56 4.74 2.81
CA ASN A 193 20.54 3.66 2.90
C ASN A 193 21.26 3.32 1.61
N SER A 194 20.70 3.58 0.44
CA SER A 194 21.37 3.22 -0.80
C SER A 194 21.73 4.45 -1.65
N PHE A 195 21.84 5.60 -1.00
CA PHE A 195 22.17 6.84 -1.71
C PHE A 195 23.61 6.78 -2.27
N LEU A 196 24.52 6.07 -1.60
CA LEU A 196 25.89 5.91 -2.09
C LEU A 196 25.82 5.19 -3.42
N LYS A 197 25.18 4.03 -3.42
CA LYS A 197 25.00 3.25 -4.63
C LYS A 197 24.32 4.08 -5.71
N LYS A 198 23.29 4.86 -5.37
CA LYS A 198 22.43 5.50 -6.38
C LYS A 198 22.97 6.83 -6.90
N ALA A 199 23.75 7.52 -6.09
CA ALA A 199 24.13 8.89 -6.43
C ALA A 199 25.55 9.29 -6.06
N ASP A 200 26.40 8.33 -5.66
CA ASP A 200 27.79 8.58 -5.21
C ASP A 200 27.92 9.44 -3.94
N ILE A 201 26.84 9.59 -3.18
CA ILE A 201 26.76 10.53 -2.04
C ILE A 201 26.31 9.69 -0.87
N PHE A 202 27.12 9.63 0.19
CA PHE A 202 26.71 9.04 1.46
C PHE A 202 26.17 10.10 2.42
N ILE A 203 24.88 10.00 2.75
CA ILE A 203 24.30 10.76 3.88
C ILE A 203 24.11 9.78 5.02
N ASN A 204 24.74 10.03 6.17
CA ASN A 204 24.51 9.20 7.35
C ASN A 204 23.20 9.60 8.01
N GLY A 205 22.76 8.77 8.95
CA GLY A 205 21.45 8.95 9.56
C GLY A 205 21.35 10.17 10.44
N SER A 206 22.47 10.51 11.09
CA SER A 206 22.54 11.69 11.95
C SER A 206 22.29 12.93 11.12
N GLN A 207 22.97 13.01 9.97
CA GLN A 207 22.77 14.12 9.05
C GLN A 207 21.33 14.17 8.49
N LEU A 208 20.78 13.00 8.21
CA LEU A 208 19.42 12.93 7.64
C LEU A 208 18.42 13.43 8.69
N GLY A 209 18.64 13.08 9.97
CA GLY A 209 17.85 13.62 11.10
C GLY A 209 17.75 15.15 11.11
N GLU A 210 18.90 15.79 10.84
CA GLU A 210 18.97 17.25 10.83
C GLU A 210 18.23 17.82 9.64
N ASP A 211 18.37 17.15 8.51
CA ASP A 211 17.58 17.53 7.33
C ASP A 211 16.08 17.47 7.66
N PHE A 212 15.66 16.44 8.38
CA PHE A 212 14.24 16.36 8.77
C PHE A 212 13.82 17.49 9.69
N ILE A 213 14.62 17.74 10.73
CA ILE A 213 14.37 18.87 11.63
C ILE A 213 14.26 20.18 10.86
N GLN A 214 15.17 20.36 9.91
CA GLN A 214 15.12 21.50 9.00
C GLN A 214 13.75 21.56 8.27
N LEU A 215 13.34 20.44 7.67
CA LEU A 215 12.04 20.39 6.95
C LEU A 215 10.89 20.70 7.92
N HIS A 216 10.94 20.09 9.10
CA HIS A 216 9.98 20.35 10.16
C HIS A 216 9.79 21.85 10.43
N LYS A 217 10.91 22.56 10.59
CA LYS A 217 10.84 24.00 10.80
C LYS A 217 10.11 24.72 9.67
N LEU A 218 10.34 24.32 8.42
CA LEU A 218 9.57 24.89 7.29
C LEU A 218 8.06 24.60 7.32
N LEU A 219 7.67 23.42 7.80
CA LEU A 219 6.24 23.05 7.92
C LEU A 219 5.54 23.79 9.08
N ARG A 220 6.24 24.01 10.17
CA ARG A 220 5.75 24.89 11.23
C ARG A 220 5.53 26.35 10.74
N LYS A 221 6.39 26.85 9.87
CA LYS A 221 6.22 28.19 9.27
C LYS A 221 5.10 28.28 8.25
N SER A 222 4.73 27.18 7.58
CA SER A 222 3.79 27.25 6.45
C SER A 222 2.35 27.50 6.91
N THR A 223 1.47 27.75 5.94
CA THR A 223 0.06 27.96 6.23
C THR A 223 -0.65 26.68 6.71
N PHE A 224 -0.04 25.51 6.48
CA PHE A 224 -0.50 24.26 7.10
C PHE A 224 0.52 23.85 8.17
N LYS A 225 0.30 24.35 9.39
CA LYS A 225 1.26 24.17 10.50
C LYS A 225 1.29 22.76 11.05
N ASN A 226 0.16 22.07 10.94
CA ASN A 226 0.02 20.67 11.38
C ASN A 226 0.11 19.66 10.24
N ALA A 227 0.81 20.01 9.16
CA ALA A 227 1.11 19.03 8.12
C ALA A 227 1.93 17.94 8.79
N LYS A 228 1.59 16.69 8.49
CA LYS A 228 2.27 15.55 9.05
C LYS A 228 3.55 15.31 8.29
N LEU A 229 4.53 14.71 8.95
CA LEU A 229 5.85 14.47 8.37
C LEU A 229 6.29 13.04 8.70
N TYR A 230 6.64 12.26 7.68
CA TYR A 230 7.01 10.86 7.91
C TYR A 230 8.39 10.56 7.37
N GLY A 231 9.08 9.63 8.01
CA GLY A 231 10.35 9.21 7.52
C GLY A 231 10.95 8.08 8.31
N PRO A 232 12.12 7.56 7.90
CA PRO A 232 12.94 8.04 6.79
C PRO A 232 12.78 7.26 5.47
N ASP A 233 11.84 6.32 5.42
CA ASP A 233 11.64 5.45 4.28
C ASP A 233 12.86 4.58 3.93
N VAL A 234 13.49 4.04 4.97
CA VAL A 234 14.64 3.18 4.77
C VAL A 234 14.17 1.87 4.15
N GLY A 235 15.08 1.28 3.41
CA GLY A 235 14.88 -0.01 2.81
C GLY A 235 14.77 -1.11 3.84
N GLN A 236 14.80 -2.33 3.32
CA GLN A 236 14.83 -3.54 4.12
C GLN A 236 15.83 -3.39 5.24
N PRO A 237 15.44 -3.70 6.50
CA PRO A 237 16.33 -3.42 7.62
C PRO A 237 17.48 -4.42 7.78
N ARG A 238 18.37 -4.50 6.78
CA ARG A 238 19.66 -5.17 6.95
C ARG A 238 20.43 -4.35 7.96
N ARG A 239 21.47 -4.97 8.53
CA ARG A 239 22.30 -4.37 9.57
C ARG A 239 22.64 -2.89 9.31
N LYS A 240 23.25 -2.60 8.16
CA LYS A 240 23.66 -1.23 7.85
C LYS A 240 22.48 -0.25 7.83
N THR A 241 21.38 -0.69 7.22
CA THR A 241 20.16 0.10 7.16
C THR A 241 19.59 0.30 8.57
N ALA A 242 19.63 -0.75 9.40
CA ALA A 242 19.15 -0.63 10.77
C ALA A 242 19.94 0.39 11.56
N LYS A 243 21.25 0.46 11.31
CA LYS A 243 22.12 1.44 11.98
C LYS A 243 21.78 2.84 11.50
N MET A 244 21.60 3.00 10.18
CA MET A 244 21.15 4.29 9.66
C MET A 244 19.83 4.73 10.28
N LEU A 245 18.88 3.80 10.43
CA LEU A 245 17.59 4.11 11.05
C LEU A 245 17.78 4.54 12.49
N LYS A 246 18.52 3.73 13.23
CA LYS A 246 18.84 4.08 14.61
C LYS A 246 19.38 5.49 14.76
N SER A 247 20.43 5.81 14.01
CA SER A 247 21.03 7.14 14.15
C SER A 247 20.08 8.21 13.66
N PHE A 248 19.29 7.91 12.64
CA PHE A 248 18.21 8.82 12.22
C PHE A 248 17.21 9.15 13.33
N LEU A 249 16.75 8.14 14.04
CA LEU A 249 15.75 8.33 15.08
C LEU A 249 16.33 9.05 16.31
N LYS A 250 17.57 8.76 16.66
CA LYS A 250 18.32 9.53 17.70
C LYS A 250 18.38 10.99 17.31
N ALA A 251 18.80 11.29 16.09
CA ALA A 251 18.94 12.67 15.65
C ALA A 251 17.60 13.40 15.43
N GLY A 252 16.73 12.84 14.59
CA GLY A 252 15.54 13.58 14.12
C GLY A 252 14.23 12.92 14.40
N GLY A 253 14.22 11.86 15.21
CA GLY A 253 13.01 11.08 15.50
C GLY A 253 11.91 11.83 16.24
N GLU A 254 12.26 12.94 16.86
CA GLU A 254 11.33 13.79 17.56
C GLU A 254 10.31 14.47 16.65
N VAL A 255 10.71 14.82 15.41
CA VAL A 255 9.85 15.61 14.52
C VAL A 255 9.00 14.76 13.51
N ILE A 256 9.18 13.44 13.45
CA ILE A 256 8.35 12.57 12.58
C ILE A 256 7.09 12.03 13.29
N ASP A 257 5.97 12.05 12.59
CA ASP A 257 4.75 11.47 13.13
C ASP A 257 4.71 9.96 13.05
N SER A 258 5.49 9.36 12.17
CA SER A 258 5.60 7.91 12.09
C SER A 258 6.93 7.56 11.46
N VAL A 259 7.40 6.37 11.77
CA VAL A 259 8.60 5.83 11.18
C VAL A 259 8.21 4.98 9.96
N THR A 260 8.77 5.32 8.81
CA THR A 260 8.54 4.57 7.58
C THR A 260 9.76 3.74 7.18
N TRP A 261 9.48 2.48 6.87
CA TRP A 261 10.43 1.55 6.33
C TRP A 261 9.76 0.64 5.28
N HIS A 262 10.59 -0.06 4.50
CA HIS A 262 10.15 -0.77 3.30
C HIS A 262 10.50 -2.26 3.40
N HIS A 263 9.69 -3.07 2.74
CA HIS A 263 9.89 -4.50 2.78
C HIS A 263 9.49 -5.14 1.48
N TYR A 264 10.33 -6.05 1.02
CA TYR A 264 10.02 -6.88 -0.17
C TYR A 264 10.39 -8.28 0.23
N TYR A 265 9.58 -9.25 -0.16
CA TYR A 265 9.89 -10.65 0.14
C TYR A 265 11.05 -11.20 -0.73
N LEU A 266 11.04 -10.84 -2.01
CA LEU A 266 11.83 -11.53 -3.01
C LEU A 266 12.38 -10.56 -4.00
N ASN A 267 13.33 -11.06 -4.78
CA ASN A 267 13.89 -10.37 -5.93
C ASN A 267 13.03 -10.76 -7.09
N GLY A 268 12.46 -9.80 -7.80
CA GLY A 268 11.59 -10.09 -8.95
C GLY A 268 12.28 -10.89 -10.09
N ARG A 269 13.59 -10.77 -10.21
CA ARG A 269 14.29 -11.49 -11.27
C ARG A 269 14.49 -12.96 -10.98
N THR A 270 14.56 -13.34 -9.70
CA THR A 270 14.77 -14.74 -9.32
C THR A 270 13.57 -15.46 -8.69
N ALA A 271 12.47 -14.77 -8.42
CA ALA A 271 11.38 -15.40 -7.68
C ALA A 271 10.70 -16.51 -8.50
N THR A 272 10.34 -17.60 -7.81
CA THR A 272 9.59 -18.72 -8.39
C THR A 272 8.17 -18.79 -7.86
N ARG A 273 7.34 -19.52 -8.60
CA ARG A 273 6.01 -19.87 -8.14
C ARG A 273 6.03 -20.51 -6.76
N GLU A 274 7.04 -21.31 -6.49
CA GLU A 274 7.14 -22.04 -5.22
C GLU A 274 7.50 -21.06 -4.09
N ASP A 275 8.29 -20.02 -4.37
CA ASP A 275 8.52 -18.95 -3.39
C ASP A 275 7.21 -18.26 -2.94
N PHE A 276 6.27 -18.05 -3.87
CA PHE A 276 5.02 -17.38 -3.55
C PHE A 276 4.13 -18.19 -2.63
N LEU A 277 4.38 -19.49 -2.52
CA LEU A 277 3.56 -20.40 -1.74
C LEU A 277 4.27 -20.90 -0.51
N ASN A 278 5.45 -20.37 -0.23
CA ASN A 278 6.29 -20.98 0.79
C ASN A 278 6.11 -20.23 2.11
N PRO A 279 5.62 -20.90 3.14
CA PRO A 279 5.46 -20.20 4.39
C PRO A 279 6.76 -19.71 5.00
N ASP A 280 7.92 -20.28 4.66
CA ASP A 280 9.21 -19.74 5.17
C ASP A 280 9.45 -18.33 4.62
N VAL A 281 9.02 -18.12 3.38
CA VAL A 281 9.12 -16.84 2.75
C VAL A 281 8.15 -15.88 3.48
N LEU A 282 6.93 -16.32 3.75
CA LEU A 282 6.00 -15.52 4.58
C LEU A 282 6.60 -15.19 5.94
N ASP A 283 7.16 -16.19 6.62
CA ASP A 283 7.72 -16.01 7.96
C ASP A 283 8.90 -15.05 8.05
N ILE A 284 9.78 -14.96 7.03
CA ILE A 284 10.95 -14.05 7.18
C ILE A 284 10.56 -12.60 7.42
N PHE A 285 9.41 -12.17 6.90
CA PHE A 285 8.88 -10.81 7.14
C PHE A 285 8.90 -10.46 8.63
N ILE A 286 8.56 -11.43 9.48
CA ILE A 286 8.52 -11.28 10.93
C ILE A 286 9.88 -10.81 11.45
N SER A 287 10.97 -11.40 10.96
CA SER A 287 12.32 -11.05 11.39
C SER A 287 12.55 -9.57 11.17
N SER A 288 12.20 -9.12 9.96
CA SER A 288 12.28 -7.69 9.62
C SER A 288 11.48 -6.80 10.57
N VAL A 289 10.23 -7.18 10.80
CA VAL A 289 9.39 -6.42 11.69
C VAL A 289 10.03 -6.30 13.10
N GLN A 290 10.46 -7.42 13.69
CA GLN A 290 11.10 -7.38 15.02
C GLN A 290 12.35 -6.53 15.06
N LYS A 291 13.17 -6.53 14.00
CA LYS A 291 14.39 -5.69 13.99
C LYS A 291 14.02 -4.23 13.94
N VAL A 292 12.99 -3.87 13.16
CA VAL A 292 12.55 -2.51 13.14
C VAL A 292 12.03 -2.01 14.49
N PHE A 293 11.19 -2.81 15.14
CA PHE A 293 10.66 -2.42 16.44
C PHE A 293 11.74 -2.34 17.53
N GLN A 294 12.74 -3.24 17.52
CA GLN A 294 13.91 -3.12 18.43
C GLN A 294 14.57 -1.77 18.24
N VAL A 295 14.86 -1.41 16.99
CA VAL A 295 15.52 -0.11 16.70
C VAL A 295 14.67 1.06 17.19
N VAL A 296 13.37 1.02 16.89
CA VAL A 296 12.44 2.10 17.29
C VAL A 296 12.25 2.16 18.81
N GLU A 297 12.07 1.01 19.45
CA GLU A 297 11.92 0.95 20.90
C GLU A 297 13.16 1.44 21.67
N SER A 298 14.34 1.21 21.10
CA SER A 298 15.56 1.70 21.69
C SER A 298 15.69 3.23 21.57
N THR A 299 14.98 3.87 20.63
CA THR A 299 15.22 5.29 20.32
C THR A 299 14.03 6.20 20.44
N ARG A 300 12.85 5.74 19.99
CA ARG A 300 11.62 6.52 20.12
C ARG A 300 10.46 5.61 20.50
N PRO A 301 10.49 5.05 21.72
CA PRO A 301 9.48 4.07 22.12
C PRO A 301 8.05 4.64 22.02
N GLY A 302 7.12 3.86 21.46
CA GLY A 302 5.74 4.32 21.24
C GLY A 302 5.50 5.04 19.93
N LYS A 303 6.53 5.37 19.16
CA LYS A 303 6.36 6.09 17.91
C LYS A 303 5.66 5.13 16.93
N LYS A 304 4.69 5.64 16.20
CA LYS A 304 3.99 4.79 15.20
C LYS A 304 4.94 4.25 14.14
N VAL A 305 4.77 2.98 13.78
CA VAL A 305 5.59 2.36 12.73
C VAL A 305 4.73 1.99 11.53
N TRP A 306 5.17 2.44 10.34
CA TRP A 306 4.42 2.34 9.09
C TRP A 306 5.31 1.62 8.07
N LEU A 307 4.72 0.70 7.32
CA LEU A 307 5.40 0.19 6.12
C LEU A 307 5.15 1.19 5.02
N GLY A 308 6.19 1.90 4.60
CA GLY A 308 6.04 3.02 3.64
C GLY A 308 6.08 2.61 2.17
N GLU A 309 6.44 1.37 1.90
CA GLU A 309 6.50 0.86 0.53
C GLU A 309 6.76 -0.64 0.68
N THR A 310 5.87 -1.46 0.18
CA THR A 310 6.01 -2.87 0.28
C THR A 310 5.32 -3.60 -0.89
N SER A 311 5.93 -4.70 -1.32
CA SER A 311 5.38 -5.58 -2.35
C SER A 311 5.93 -6.99 -2.22
N SER A 312 5.35 -7.86 -3.05
CA SER A 312 5.82 -9.24 -3.23
C SER A 312 7.30 -9.29 -3.55
N ALA A 313 7.75 -8.46 -4.47
CA ALA A 313 9.11 -8.56 -5.03
C ALA A 313 9.60 -7.24 -5.57
N TYR A 314 10.85 -6.93 -5.30
CA TYR A 314 11.47 -5.72 -5.80
C TYR A 314 11.87 -5.91 -7.27
N GLY A 315 12.33 -4.83 -7.92
CA GLY A 315 12.60 -4.82 -9.36
C GLY A 315 11.35 -4.65 -10.21
N GLY A 316 10.25 -4.16 -9.66
CA GLY A 316 9.02 -4.05 -10.41
C GLY A 316 8.09 -5.26 -10.33
N GLY A 317 8.43 -6.27 -9.53
CA GLY A 317 7.61 -7.46 -9.41
C GLY A 317 8.18 -8.69 -10.13
N ALA A 318 7.66 -9.87 -9.78
CA ALA A 318 8.02 -11.14 -10.39
C ALA A 318 7.16 -11.38 -11.63
N PRO A 319 7.77 -11.36 -12.86
CA PRO A 319 6.99 -11.61 -14.09
C PRO A 319 6.07 -12.81 -13.96
N LEU A 320 4.84 -12.66 -14.41
CA LEU A 320 3.83 -13.74 -14.32
C LEU A 320 3.44 -14.24 -12.93
N LEU A 321 3.97 -13.68 -11.85
CA LEU A 321 3.60 -14.08 -10.49
C LEU A 321 2.94 -12.94 -9.64
N SER A 322 3.52 -11.75 -9.70
CA SER A 322 3.09 -10.64 -8.82
C SER A 322 1.74 -10.04 -9.15
N ASP A 323 1.19 -10.35 -10.33
CA ASP A 323 -0.12 -9.87 -10.78
C ASP A 323 -1.21 -10.98 -10.79
N THR A 324 -0.96 -12.07 -10.07
CA THR A 324 -1.81 -13.24 -10.05
C THR A 324 -2.50 -13.47 -8.71
N PHE A 325 -3.41 -14.44 -8.69
CA PHE A 325 -4.04 -14.89 -7.46
C PHE A 325 -3.02 -15.40 -6.45
N ALA A 326 -1.93 -15.98 -6.95
CA ALA A 326 -0.87 -16.49 -6.09
C ALA A 326 -0.15 -15.37 -5.34
N ALA A 327 -0.18 -14.13 -5.85
CA ALA A 327 0.37 -12.97 -5.13
C ALA A 327 -0.39 -12.63 -3.83
N GLY A 328 -1.65 -13.06 -3.76
CA GLY A 328 -2.53 -12.83 -2.60
C GLY A 328 -2.11 -13.40 -1.27
N PHE A 329 -1.38 -14.52 -1.30
CA PHE A 329 -1.00 -15.17 -0.06
C PHE A 329 -0.07 -14.22 0.70
N MET A 330 0.92 -13.71 -0.01
CA MET A 330 1.89 -12.71 0.51
C MET A 330 1.22 -11.43 0.93
N TRP A 331 0.29 -10.91 0.12
CA TRP A 331 -0.38 -9.67 0.46
C TRP A 331 -1.25 -9.78 1.69
N LEU A 332 -2.13 -10.78 1.71
CA LEU A 332 -2.99 -10.98 2.85
C LEU A 332 -2.19 -11.30 4.11
N ASP A 333 -1.16 -12.15 4.00
CA ASP A 333 -0.34 -12.46 5.19
C ASP A 333 0.43 -11.25 5.72
N LYS A 334 0.92 -10.40 4.82
CA LYS A 334 1.55 -9.17 5.20
C LYS A 334 0.65 -8.25 6.06
N LEU A 335 -0.59 -8.10 5.59
CA LEU A 335 -1.60 -7.31 6.27
C LEU A 335 -1.93 -7.91 7.63
N GLY A 336 -2.16 -9.22 7.64
CA GLY A 336 -2.40 -10.02 8.85
C GLY A 336 -1.31 -9.81 9.91
N LEU A 337 -0.07 -10.08 9.52
CA LEU A 337 1.06 -9.97 10.41
C LEU A 337 1.34 -8.53 10.79
N SER A 338 1.26 -7.61 9.82
CA SER A 338 1.49 -6.22 10.11
C SER A 338 0.50 -5.74 11.19
N ALA A 339 -0.75 -6.14 11.04
CA ALA A 339 -1.77 -5.70 11.99
C ALA A 339 -1.52 -6.29 13.38
N ARG A 340 -1.16 -7.57 13.42
CA ARG A 340 -1.00 -8.27 14.66
C ARG A 340 0.28 -7.86 15.42
N MET A 341 1.29 -7.36 14.70
CA MET A 341 2.60 -7.05 15.29
C MET A 341 2.80 -5.58 15.57
N GLY A 342 1.84 -4.73 15.20
CA GLY A 342 1.83 -3.33 15.64
C GLY A 342 2.10 -2.27 14.59
N ILE A 343 2.19 -2.67 13.31
CA ILE A 343 2.36 -1.72 12.23
C ILE A 343 0.98 -1.03 11.98
N GLU A 344 0.96 0.28 11.92
CA GLU A 344 -0.29 1.01 11.91
C GLU A 344 -0.87 1.27 10.50
N VAL A 345 0.04 1.42 9.53
CA VAL A 345 -0.25 1.67 8.10
C VAL A 345 0.70 0.80 7.22
N VAL A 346 0.16 0.23 6.15
CA VAL A 346 0.88 -0.55 5.16
C VAL A 346 0.64 0.05 3.78
N MET A 347 1.72 0.51 3.11
CA MET A 347 1.53 1.18 1.83
C MET A 347 1.94 0.25 0.69
N ARG A 348 0.94 -0.23 -0.05
CA ARG A 348 1.20 -1.18 -1.15
C ARG A 348 1.88 -0.51 -2.36
N GLN A 349 3.06 -0.99 -2.70
CA GLN A 349 3.73 -0.73 -3.99
C GLN A 349 3.14 -1.72 -5.02
N VAL A 350 2.34 -1.27 -5.98
CA VAL A 350 1.77 0.05 -6.22
C VAL A 350 0.30 -0.10 -6.53
N PHE A 351 -0.42 1.01 -6.51
CA PHE A 351 -1.81 1.04 -6.95
C PHE A 351 -1.90 0.87 -8.47
N PHE A 352 -1.11 1.68 -9.17
CA PHE A 352 -1.07 1.75 -10.63
C PHE A 352 0.34 2.20 -11.01
N GLY A 353 0.82 1.69 -12.14
CA GLY A 353 2.10 2.12 -12.70
C GLY A 353 2.97 0.96 -13.18
N ALA A 354 4.24 1.28 -13.24
CA ALA A 354 5.23 0.42 -13.86
C ALA A 354 5.42 -0.78 -13.01
N GLY A 355 5.61 -1.93 -13.64
CA GLY A 355 5.75 -3.17 -12.92
C GLY A 355 4.46 -3.93 -12.99
N ASN A 356 4.52 -5.15 -12.48
CA ASN A 356 3.36 -6.01 -12.44
C ASN A 356 2.91 -6.31 -11.02
N TYR A 357 3.45 -5.60 -10.01
CA TYR A 357 2.91 -5.73 -8.64
C TYR A 357 1.81 -4.69 -8.44
N HIS A 358 1.45 -3.98 -9.52
CA HIS A 358 0.30 -3.11 -9.50
C HIS A 358 -1.01 -3.80 -9.07
N LEU A 359 -1.84 -3.06 -8.36
CA LEU A 359 -3.19 -3.53 -8.06
C LEU A 359 -4.09 -3.43 -9.29
N VAL A 360 -3.81 -2.46 -10.14
CA VAL A 360 -4.64 -2.19 -11.31
C VAL A 360 -3.69 -2.11 -12.53
N ASP A 361 -4.05 -2.79 -13.62
CA ASP A 361 -3.13 -2.90 -14.74
C ASP A 361 -3.16 -1.72 -15.72
N GLU A 362 -2.34 -1.88 -16.77
CA GLU A 362 -2.20 -0.90 -17.86
C GLU A 362 -3.51 -0.51 -18.51
N ASN A 363 -4.51 -1.40 -18.50
CA ASN A 363 -5.87 -1.06 -18.94
C ASN A 363 -6.82 -0.53 -17.86
N PHE A 364 -6.26 -0.18 -16.71
CA PHE A 364 -7.01 0.12 -15.50
C PHE A 364 -7.93 -1.04 -15.08
N ASP A 365 -7.59 -2.28 -15.40
CA ASP A 365 -8.36 -3.39 -14.91
C ASP A 365 -7.77 -3.90 -13.60
N PRO A 366 -8.62 -4.22 -12.60
CA PRO A 366 -8.14 -4.70 -11.29
C PRO A 366 -7.59 -6.10 -11.37
N LEU A 367 -6.44 -6.28 -10.75
CA LEU A 367 -5.89 -7.59 -10.61
C LEU A 367 -6.47 -8.29 -9.35
N PRO A 368 -6.10 -9.53 -9.11
CA PRO A 368 -6.69 -10.19 -7.99
C PRO A 368 -6.37 -9.53 -6.64
N ASP A 369 -5.16 -8.99 -6.51
CA ASP A 369 -4.78 -8.27 -5.28
C ASP A 369 -5.67 -7.03 -5.06
N TYR A 370 -6.15 -6.38 -6.13
CA TYR A 370 -7.11 -5.30 -5.95
C TYR A 370 -8.38 -5.79 -5.22
N TRP A 371 -9.03 -6.81 -5.79
CA TRP A 371 -10.24 -7.40 -5.19
C TRP A 371 -9.99 -7.88 -3.74
N LEU A 372 -8.87 -8.56 -3.52
CA LEU A 372 -8.42 -8.92 -2.19
C LEU A 372 -8.37 -7.69 -1.23
N SER A 373 -7.73 -6.62 -1.69
CA SER A 373 -7.71 -5.33 -0.98
C SER A 373 -9.09 -4.74 -0.67
N LEU A 374 -9.99 -4.87 -1.66
CA LEU A 374 -11.29 -4.23 -1.56
C LEU A 374 -12.14 -4.98 -0.49
N LEU A 375 -12.06 -6.28 -0.53
CA LEU A 375 -12.72 -7.15 0.41
C LEU A 375 -12.19 -6.91 1.83
N PHE A 376 -10.85 -6.86 1.97
CA PHE A 376 -10.21 -6.50 3.21
C PHE A 376 -10.80 -5.19 3.80
N LYS A 377 -10.80 -4.16 2.97
CA LYS A 377 -11.27 -2.85 3.31
C LYS A 377 -12.73 -2.86 3.77
N LYS A 378 -13.59 -3.64 3.12
CA LYS A 378 -14.99 -3.67 3.49
C LYS A 378 -15.30 -4.45 4.75
N LEU A 379 -14.50 -5.47 5.04
CA LEU A 379 -14.79 -6.41 6.14
C LEU A 379 -14.00 -6.22 7.43
N VAL A 380 -12.74 -5.77 7.32
CA VAL A 380 -11.78 -5.87 8.40
C VAL A 380 -11.80 -4.56 9.14
N GLY A 381 -12.03 -4.62 10.46
CA GLY A 381 -12.02 -3.37 11.28
C GLY A 381 -10.65 -2.95 11.80
N THR A 382 -10.62 -1.82 12.50
CA THR A 382 -9.37 -1.29 13.02
C THR A 382 -8.86 -1.99 14.28
N LYS A 383 -9.73 -2.63 15.03
CA LYS A 383 -9.29 -3.28 16.25
C LYS A 383 -8.80 -4.70 15.96
N VAL A 384 -7.53 -4.95 16.26
CA VAL A 384 -6.90 -6.22 15.96
C VAL A 384 -7.05 -7.09 17.17
N LEU A 385 -7.59 -8.28 16.97
CA LEU A 385 -7.65 -9.32 17.98
C LEU A 385 -6.69 -10.44 17.60
N MET A 386 -6.89 -11.64 18.17
CA MET A 386 -5.98 -12.74 17.87
C MET A 386 -6.71 -14.06 17.71
N ALA A 387 -6.21 -14.87 16.75
CA ALA A 387 -6.66 -16.21 16.51
C ALA A 387 -5.46 -17.14 16.45
N SER A 388 -5.69 -18.42 16.76
CA SER A 388 -4.64 -19.42 16.64
C SER A 388 -5.25 -20.72 16.25
N VAL A 389 -4.42 -21.59 15.68
CA VAL A 389 -4.85 -22.92 15.29
C VAL A 389 -4.29 -23.94 16.27
N GLN A 390 -5.17 -24.76 16.85
CA GLN A 390 -4.76 -25.87 17.71
C GLN A 390 -3.94 -26.89 16.89
N GLY A 391 -2.65 -27.01 17.22
CA GLY A 391 -1.68 -27.81 16.48
C GLY A 391 -0.41 -27.00 16.22
N SER A 392 0.60 -27.69 15.70
CA SER A 392 1.90 -27.08 15.38
C SER A 392 2.14 -26.88 13.88
N LYS A 393 1.11 -27.12 13.05
CA LYS A 393 1.17 -26.81 11.60
C LYS A 393 0.45 -25.48 11.29
N ARG A 394 0.80 -24.48 12.12
CA ARG A 394 0.26 -23.13 12.07
C ARG A 394 0.95 -22.32 10.97
N ARG A 395 2.12 -22.80 10.52
CA ARG A 395 2.80 -22.29 9.33
C ARG A 395 1.97 -22.28 8.03
N LYS A 396 1.22 -23.34 7.78
CA LYS A 396 0.49 -23.44 6.50
C LYS A 396 -0.99 -23.05 6.59
N LEU A 397 -1.52 -22.98 7.80
CA LEU A 397 -2.88 -22.48 8.02
C LEU A 397 -2.76 -21.24 8.86
N ARG A 398 -2.96 -20.09 8.26
CA ARG A 398 -2.60 -18.84 8.89
C ARG A 398 -3.87 -18.03 9.08
N VAL A 399 -4.08 -17.56 10.32
CA VAL A 399 -5.36 -17.00 10.73
C VAL A 399 -5.21 -15.73 11.47
N TYR A 400 -6.05 -14.78 11.12
CA TYR A 400 -6.08 -13.44 11.67
C TYR A 400 -7.53 -13.08 12.06
N LEU A 401 -7.69 -12.20 13.05
CA LEU A 401 -8.99 -11.87 13.61
C LEU A 401 -9.01 -10.41 14.03
N HIS A 402 -9.95 -9.66 13.46
CA HIS A 402 -10.19 -8.31 13.85
C HIS A 402 -11.67 -8.16 14.21
N CYS A 403 -12.01 -7.05 14.86
CA CYS A 403 -13.40 -6.62 14.89
C CYS A 403 -13.85 -6.33 13.44
N THR A 404 -15.09 -6.62 13.14
CA THR A 404 -15.64 -6.30 11.84
C THR A 404 -15.72 -4.81 11.61
N ASN A 405 -15.41 -4.40 10.39
CA ASN A 405 -15.53 -3.03 10.00
C ASN A 405 -16.98 -2.49 10.21
N THR A 406 -17.17 -1.59 11.15
CA THR A 406 -18.55 -1.15 11.49
C THR A 406 -19.12 -0.10 10.53
N ASP A 407 -18.29 0.43 9.61
CA ASP A 407 -18.78 1.19 8.46
C ASP A 407 -19.51 0.30 7.47
N ASN A 408 -19.40 -1.01 7.60
CA ASN A 408 -20.16 -1.91 6.74
C ASN A 408 -21.61 -2.01 7.22
N PRO A 409 -22.58 -1.62 6.37
CA PRO A 409 -23.99 -1.59 6.79
C PRO A 409 -24.69 -2.95 7.02
N ARG A 410 -24.12 -4.06 6.59
CA ARG A 410 -24.74 -5.38 6.86
C ARG A 410 -24.45 -5.86 8.30
N TYR A 411 -23.41 -5.32 8.92
CA TYR A 411 -22.91 -5.89 10.15
C TYR A 411 -23.10 -4.93 11.31
N LYS A 412 -22.71 -5.34 12.51
CA LYS A 412 -22.82 -4.42 13.67
C LYS A 412 -21.70 -4.51 14.65
N GLU A 413 -21.69 -3.56 15.57
CA GLU A 413 -20.74 -3.57 16.68
C GLU A 413 -20.81 -4.93 17.38
N GLY A 414 -19.66 -5.42 17.79
CA GLY A 414 -19.53 -6.76 18.32
C GLY A 414 -19.15 -7.84 17.33
N ASP A 415 -19.40 -7.59 16.05
CA ASP A 415 -19.16 -8.62 15.02
C ASP A 415 -17.67 -8.83 14.78
N LEU A 416 -17.31 -10.05 14.39
CA LEU A 416 -15.91 -10.42 14.17
C LEU A 416 -15.63 -10.72 12.70
N THR A 417 -14.45 -10.33 12.23
CA THR A 417 -13.98 -10.74 10.91
C THR A 417 -12.69 -11.56 11.08
N LEU A 418 -12.81 -12.83 10.74
CA LEU A 418 -11.69 -13.75 10.62
C LEU A 418 -11.27 -13.81 9.17
N TYR A 419 -9.96 -13.84 8.96
CA TYR A 419 -9.42 -14.16 7.67
C TYR A 419 -8.35 -15.22 7.80
N ALA A 420 -8.24 -16.03 6.75
CA ALA A 420 -7.41 -17.20 6.83
C ALA A 420 -6.85 -17.57 5.47
N ILE A 421 -5.68 -18.19 5.54
CA ILE A 421 -4.90 -18.57 4.40
C ILE A 421 -4.61 -20.03 4.59
N ASN A 422 -4.97 -20.80 3.58
CA ASN A 422 -4.61 -22.21 3.49
C ASN A 422 -3.54 -22.46 2.43
N LEU A 423 -2.32 -22.72 2.90
CA LEU A 423 -1.22 -23.10 2.02
C LEU A 423 -0.94 -24.61 1.97
N HIS A 424 -1.78 -25.43 2.61
CA HIS A 424 -1.74 -26.88 2.40
C HIS A 424 -2.30 -27.13 0.99
N ASN A 425 -1.89 -28.28 0.41
CA ASN A 425 -2.42 -28.79 -0.87
C ASN A 425 -3.68 -29.68 -0.70
N VAL A 426 -4.33 -29.62 0.47
CA VAL A 426 -5.65 -30.21 0.66
C VAL A 426 -6.58 -29.20 1.35
N THR A 427 -7.87 -29.46 1.28
CA THR A 427 -8.87 -28.66 1.97
C THR A 427 -8.71 -28.78 3.47
N LYS A 428 -8.85 -27.68 4.20
CA LYS A 428 -8.93 -27.74 5.64
C LYS A 428 -10.23 -27.10 6.12
N TYR A 429 -10.72 -27.58 7.25
CA TYR A 429 -12.00 -27.17 7.81
C TYR A 429 -11.72 -26.59 9.18
N LEU A 430 -12.12 -25.34 9.44
CA LEU A 430 -11.87 -24.70 10.74
C LEU A 430 -13.08 -24.80 11.67
N ARG A 431 -12.86 -25.14 12.93
CA ARG A 431 -13.95 -25.11 13.91
C ARG A 431 -13.82 -23.89 14.80
N LEU A 432 -14.86 -23.06 14.77
CA LEU A 432 -14.89 -21.88 15.60
C LEU A 432 -15.11 -22.31 17.06
N PRO A 433 -14.44 -21.62 18.00
CA PRO A 433 -14.64 -21.88 19.42
C PRO A 433 -15.92 -21.27 20.00
N TYR A 434 -16.40 -21.84 21.10
CA TYR A 434 -17.47 -21.24 21.88
C TYR A 434 -16.90 -19.93 22.40
N PRO A 435 -17.66 -18.83 22.45
CA PRO A 435 -19.10 -18.70 22.16
C PRO A 435 -19.47 -18.30 20.72
N PHE A 436 -18.65 -18.70 19.75
CA PHE A 436 -18.84 -18.34 18.34
C PHE A 436 -19.20 -19.58 17.50
N SER A 437 -19.52 -20.68 18.17
CA SER A 437 -19.72 -21.99 17.56
C SER A 437 -21.17 -22.25 17.08
N ASN A 438 -22.10 -21.34 17.35
CA ASN A 438 -23.50 -21.46 16.89
C ASN A 438 -24.01 -20.08 16.41
N LYS A 439 -23.24 -19.48 15.53
CA LYS A 439 -23.58 -18.18 14.94
C LYS A 439 -23.79 -18.32 13.47
N GLN A 440 -24.54 -17.36 12.90
CA GLN A 440 -24.60 -17.12 11.47
C GLN A 440 -23.24 -16.57 11.06
N VAL A 441 -22.66 -17.13 9.99
CA VAL A 441 -21.37 -16.74 9.51
C VAL A 441 -21.43 -16.50 8.00
N ASP A 442 -20.91 -15.34 7.56
CA ASP A 442 -20.83 -15.00 6.15
C ASP A 442 -19.45 -15.36 5.67
N LYS A 443 -19.39 -16.25 4.70
CA LYS A 443 -18.17 -16.67 4.01
C LYS A 443 -17.88 -15.78 2.80
N TYR A 444 -16.61 -15.42 2.63
CA TYR A 444 -16.14 -14.64 1.47
C TYR A 444 -14.84 -15.30 0.93
N LEU A 445 -15.01 -16.38 0.17
CA LEU A 445 -13.91 -17.19 -0.31
C LEU A 445 -13.47 -16.77 -1.68
N LEU A 446 -12.16 -16.60 -1.83
CA LEU A 446 -11.58 -16.16 -3.10
C LEU A 446 -10.81 -17.33 -3.73
N ARG A 447 -10.99 -17.50 -5.03
CA ARG A 447 -10.40 -18.62 -5.77
C ARG A 447 -10.06 -18.16 -7.17
N PRO A 448 -8.99 -18.73 -7.74
CA PRO A 448 -8.60 -18.33 -9.08
C PRO A 448 -9.58 -18.83 -10.13
N LEU A 449 -9.85 -18.01 -11.13
CA LEU A 449 -10.69 -18.40 -12.23
C LEU A 449 -9.84 -19.09 -13.31
N GLY A 450 -10.25 -20.29 -13.74
CA GLY A 450 -9.87 -20.79 -15.06
C GLY A 450 -8.54 -21.51 -15.15
N PRO A 451 -8.09 -21.79 -16.38
CA PRO A 451 -7.04 -22.81 -16.54
C PRO A 451 -5.68 -22.51 -15.89
N HIS A 452 -5.31 -21.25 -15.74
CA HIS A 452 -4.01 -20.97 -15.12
C HIS A 452 -3.96 -21.22 -13.58
N GLY A 453 -5.12 -21.45 -12.97
CA GLY A 453 -5.18 -21.82 -11.54
C GLY A 453 -4.63 -20.66 -10.73
N LEU A 454 -3.66 -20.94 -9.87
CA LEU A 454 -3.05 -19.91 -9.00
C LEU A 454 -2.34 -18.78 -9.77
N LEU A 455 -1.87 -19.07 -11.00
CA LEU A 455 -1.25 -18.03 -11.83
C LEU A 455 -2.25 -17.25 -12.65
N SER A 456 -3.55 -17.47 -12.45
CA SER A 456 -4.56 -16.66 -13.12
C SER A 456 -4.60 -15.19 -12.60
N LYS A 457 -5.05 -14.30 -13.46
CA LYS A 457 -5.23 -12.91 -13.14
C LYS A 457 -6.67 -12.54 -12.90
N SER A 458 -7.56 -13.54 -12.85
CA SER A 458 -8.95 -13.29 -12.48
C SER A 458 -9.30 -14.19 -11.33
N VAL A 459 -10.29 -13.74 -10.59
CA VAL A 459 -10.60 -14.32 -9.30
C VAL A 459 -12.10 -14.37 -9.15
N GLN A 460 -12.59 -15.39 -8.44
CA GLN A 460 -13.99 -15.48 -8.07
C GLN A 460 -14.22 -15.36 -6.55
N LEU A 461 -15.31 -14.69 -6.20
CA LEU A 461 -15.80 -14.57 -4.83
C LEU A 461 -17.00 -15.50 -4.68
N ASN A 462 -16.86 -16.54 -3.83
CA ASN A 462 -17.91 -17.56 -3.65
C ASN A 462 -18.50 -18.06 -4.97
N GLY A 463 -17.62 -18.37 -5.92
CA GLY A 463 -18.03 -18.91 -7.21
C GLY A 463 -18.42 -17.92 -8.27
N LEU A 464 -18.40 -16.62 -7.96
CA LEU A 464 -18.83 -15.58 -8.90
C LEU A 464 -17.66 -14.73 -9.33
N THR A 465 -17.46 -14.62 -10.64
CA THR A 465 -16.32 -13.83 -11.16
C THR A 465 -16.37 -12.36 -10.73
N LEU A 466 -15.31 -11.87 -10.08
CA LEU A 466 -15.17 -10.42 -9.78
C LEU A 466 -14.67 -9.61 -10.99
N LYS A 467 -15.48 -8.61 -11.33
CA LYS A 467 -15.29 -7.73 -12.47
C LYS A 467 -15.92 -6.39 -12.12
N MET A 468 -15.34 -5.30 -12.57
CA MET A 468 -16.05 -4.02 -12.57
C MET A 468 -17.38 -4.22 -13.30
N VAL A 469 -18.42 -3.57 -12.81
CA VAL A 469 -19.70 -3.63 -13.49
C VAL A 469 -19.53 -2.77 -14.77
N ASP A 470 -18.95 -1.60 -14.60
CA ASP A 470 -18.53 -0.77 -15.71
C ASP A 470 -17.48 0.21 -15.17
N ASP A 471 -17.07 1.20 -15.97
CA ASP A 471 -16.05 2.20 -15.53
C ASP A 471 -16.39 3.00 -14.25
N GLN A 472 -17.68 3.17 -13.96
CA GLN A 472 -18.16 4.00 -12.82
C GLN A 472 -18.53 3.18 -11.58
N THR A 473 -18.48 1.86 -11.67
CA THR A 473 -19.26 1.02 -10.76
C THR A 473 -18.52 -0.27 -10.38
N LEU A 474 -18.23 -0.40 -9.09
CA LEU A 474 -17.75 -1.70 -8.56
C LEU A 474 -18.91 -2.62 -8.31
N PRO A 475 -18.67 -3.93 -8.36
CA PRO A 475 -19.82 -4.78 -8.05
C PRO A 475 -20.11 -4.89 -6.56
N PRO A 476 -21.28 -5.40 -6.19
CA PRO A 476 -21.45 -5.89 -4.82
C PRO A 476 -20.53 -7.07 -4.57
N LEU A 477 -20.15 -7.24 -3.33
CA LEU A 477 -19.33 -8.35 -2.92
C LEU A 477 -20.22 -9.25 -2.10
N MET A 478 -20.67 -10.34 -2.72
CA MET A 478 -21.81 -11.11 -2.21
C MET A 478 -21.32 -12.24 -1.30
N GLU A 479 -21.73 -12.15 -0.04
CA GLU A 479 -21.50 -13.16 0.94
C GLU A 479 -22.17 -14.47 0.64
N LYS A 480 -21.61 -15.52 1.20
CA LYS A 480 -22.23 -16.84 1.19
C LYS A 480 -22.58 -17.19 2.65
N PRO A 481 -23.86 -17.06 3.03
CA PRO A 481 -24.21 -17.41 4.44
C PRO A 481 -23.95 -18.90 4.74
N LEU A 482 -23.38 -19.22 5.89
CA LEU A 482 -23.17 -20.63 6.24
C LEU A 482 -24.23 -21.09 7.24
N ARG A 483 -24.45 -22.40 7.27
CA ARG A 483 -25.28 -23.01 8.29
C ARG A 483 -24.66 -22.76 9.66
N PRO A 484 -25.45 -22.17 10.58
CA PRO A 484 -24.92 -22.01 11.91
C PRO A 484 -24.34 -23.31 12.44
N GLY A 485 -23.19 -23.20 13.08
CA GLY A 485 -22.48 -24.36 13.58
C GLY A 485 -21.71 -25.17 12.55
N SER A 486 -21.67 -24.74 11.28
CA SER A 486 -20.89 -25.48 10.28
C SER A 486 -19.40 -25.18 10.49
N SER A 487 -18.52 -26.10 10.11
CA SER A 487 -17.11 -25.80 10.07
C SER A 487 -16.88 -24.88 8.88
N LEU A 488 -15.79 -24.10 8.92
CA LEU A 488 -15.44 -23.17 7.86
C LEU A 488 -14.48 -23.87 6.90
N GLY A 489 -14.95 -24.17 5.70
CA GLY A 489 -14.15 -24.87 4.71
C GLY A 489 -13.25 -23.92 3.97
N LEU A 490 -11.98 -24.31 3.87
CA LEU A 490 -10.97 -23.57 3.16
C LEU A 490 -10.27 -24.51 2.15
N PRO A 491 -10.58 -24.37 0.85
CA PRO A 491 -9.88 -25.27 -0.10
C PRO A 491 -8.37 -25.11 -0.16
N ALA A 492 -7.71 -26.04 -0.83
CA ALA A 492 -6.27 -26.03 -0.94
C ALA A 492 -5.82 -24.71 -1.55
N PHE A 493 -4.74 -24.14 -1.06
CA PHE A 493 -4.16 -22.95 -1.70
C PHE A 493 -5.25 -21.89 -1.94
N SER A 494 -5.94 -21.49 -0.88
CA SER A 494 -6.96 -20.44 -1.01
C SER A 494 -6.89 -19.49 0.21
N TYR A 495 -7.70 -18.44 0.16
CA TYR A 495 -7.83 -17.51 1.27
C TYR A 495 -9.28 -17.03 1.31
N SER A 496 -9.73 -16.72 2.52
CA SER A 496 -11.12 -16.34 2.74
C SER A 496 -11.27 -15.43 3.96
N PHE A 497 -12.32 -14.66 3.91
CA PHE A 497 -12.84 -13.98 5.08
C PHE A 497 -14.12 -14.67 5.54
N PHE A 498 -14.38 -14.55 6.82
CA PHE A 498 -15.59 -15.03 7.44
C PHE A 498 -16.01 -14.02 8.47
N VAL A 499 -17.22 -13.50 8.34
CA VAL A 499 -17.80 -12.52 9.31
C VAL A 499 -18.76 -13.27 10.24
N ILE A 500 -18.44 -13.25 11.53
CA ILE A 500 -19.25 -13.93 12.52
C ILE A 500 -20.28 -12.94 13.08
N ARG A 501 -21.52 -13.12 12.65
CA ARG A 501 -22.59 -12.17 12.96
C ARG A 501 -23.18 -12.44 14.34
N ASN A 502 -23.53 -11.34 14.99
CA ASN A 502 -24.01 -11.32 16.37
C ASN A 502 -23.01 -11.94 17.33
N ALA A 503 -21.73 -11.71 17.06
CA ALA A 503 -20.69 -12.25 17.89
C ALA A 503 -20.67 -11.54 19.24
N LYS A 504 -21.06 -10.27 19.26
CA LYS A 504 -21.27 -9.50 20.49
C LYS A 504 -20.01 -9.45 21.37
N VAL A 505 -18.88 -9.25 20.70
CA VAL A 505 -17.59 -9.10 21.37
C VAL A 505 -17.50 -7.69 21.95
N ALA A 506 -17.33 -7.61 23.27
CA ALA A 506 -17.28 -6.31 23.99
C ALA A 506 -16.21 -5.33 23.49
N ALA A 507 -15.01 -5.84 23.25
CA ALA A 507 -13.90 -5.07 22.69
C ALA A 507 -14.22 -4.38 21.36
N CYS A 508 -15.18 -4.90 20.59
CA CYS A 508 -15.53 -4.39 19.25
C CYS A 508 -16.65 -3.36 19.23
N ILE A 509 -16.87 -2.66 20.33
CA ILE A 509 -18.10 -1.86 20.53
C ILE A 509 -17.68 -0.43 20.83
C1 NAG B . 1.53 -31.82 -0.45
C2 NAG B . 2.61 -32.33 -1.40
C3 NAG B . 3.48 -33.43 -0.78
C4 NAG B . 4.07 -32.88 0.51
C5 NAG B . 2.89 -32.42 1.42
C6 NAG B . 3.27 -31.91 2.82
C7 NAG B . 2.15 -32.31 -3.83
C8 NAG B . 3.17 -31.23 -4.11
N2 NAG B . 1.94 -32.78 -2.60
O3 NAG B . 4.53 -33.90 -1.63
O4 NAG B . 4.91 -33.91 1.07
O5 NAG B . 2.14 -31.40 0.78
O6 NAG B . 2.10 -31.44 3.52
O7 NAG B . 1.49 -32.77 -4.74
C1 NAG B . 6.13 -33.35 1.60
C2 NAG B . 6.76 -34.43 2.50
C3 NAG B . 8.22 -34.11 2.86
C4 NAG B . 9.04 -33.61 1.66
C5 NAG B . 8.26 -32.41 1.08
C6 NAG B . 8.98 -31.63 -0.03
C7 NAG B . 4.98 -35.42 3.88
C8 NAG B . 4.29 -35.36 5.21
N2 NAG B . 5.96 -34.54 3.72
O3 NAG B . 8.84 -35.28 3.39
O4 NAG B . 10.37 -33.26 2.08
O5 NAG B . 7.01 -32.91 0.57
O6 NAG B . 8.97 -32.37 -1.25
O7 NAG B . 4.62 -36.22 3.01
C1 FUC B . 1.42 -32.47 4.31
C2 FUC B . 0.44 -31.85 5.34
C3 FUC B . -0.86 -31.38 4.67
C4 FUC B . -1.47 -32.47 3.81
C5 FUC B . -0.41 -32.84 2.81
C6 FUC B . -0.97 -33.87 1.87
O2 FUC B . 1.08 -30.77 6.05
O3 FUC B . -1.84 -31.00 5.64
O4 FUC B . -1.84 -33.62 4.58
O5 FUC B . 0.70 -33.42 3.50
C1 NAG C . 20.50 16.98 -9.95
C2 NAG C . 22.00 16.68 -9.99
C3 NAG C . 22.62 17.19 -8.69
C4 NAG C . 22.37 18.69 -8.54
C5 NAG C . 20.87 18.91 -8.50
C6 NAG C . 20.49 20.38 -8.29
C7 NAG C . 22.32 14.67 -11.39
C8 NAG C . 22.63 13.19 -11.39
N2 NAG C . 22.28 15.26 -10.19
O3 NAG C . 24.03 16.95 -8.61
O4 NAG C . 22.99 19.17 -7.35
O5 NAG C . 20.28 18.39 -9.69
O6 NAG C . 20.62 21.03 -9.53
O7 NAG C . 22.12 15.25 -12.45
C1 NAG D . 20.54 26.06 -2.49
C2 NAG D . 21.81 26.91 -2.61
C3 NAG D . 21.53 28.17 -3.42
C4 NAG D . 20.88 27.83 -4.77
C5 NAG D . 19.59 27.08 -4.45
C6 NAG D . 18.73 26.78 -5.68
C7 NAG D . 23.27 26.58 -0.67
C8 NAG D . 23.54 26.95 0.75
N2 NAG D . 22.23 27.18 -1.25
O3 NAG D . 22.76 28.84 -3.64
O4 NAG D . 20.58 28.96 -5.60
O5 NAG D . 19.99 25.89 -3.80
O6 NAG D . 19.46 25.94 -6.58
O7 NAG D . 23.99 25.75 -1.24
C1 NAG E . 27.79 11.83 10.14
C2 NAG E . 29.05 11.45 10.93
C3 NAG E . 29.79 12.69 11.44
C4 NAG E . 30.02 13.66 10.27
C5 NAG E . 28.67 14.00 9.65
C6 NAG E . 28.84 15.01 8.52
C7 NAG E . 28.87 9.25 12.06
C8 NAG E . 28.50 8.52 13.34
N2 NAG E . 28.76 10.58 12.06
O3 NAG E . 31.02 12.26 12.03
O4 NAG E . 30.69 14.86 10.65
O5 NAG E . 28.07 12.81 9.13
O6 NAG E . 27.67 14.97 7.70
O7 NAG E . 29.26 8.62 11.08
C1 EDO F . -8.43 -2.23 7.96
O1 EDO F . -8.90 -1.80 6.68
C2 EDO F . -8.92 -1.19 8.99
O2 EDO F . -10.37 -1.11 8.97
C1 EDO G . -11.39 1.28 7.23
O1 EDO G . -11.71 1.01 8.61
C2 EDO G . -11.98 0.22 6.29
O2 EDO G . -11.35 -1.11 6.41
C1 EDO H . -19.53 -11.36 -6.45
O1 EDO H . -20.07 -10.46 -5.50
C2 EDO H . -19.53 -10.75 -7.85
O2 EDO H . -20.09 -9.43 -7.94
C1 EDO I . -6.43 15.94 -0.02
O1 EDO I . -7.08 15.36 1.10
C2 EDO I . -5.48 14.91 -0.61
O2 EDO I . -4.39 14.72 0.32
C1 EDO J . 6.95 0.80 18.60
O1 EDO J . 6.49 2.15 18.66
C2 EDO J . 7.77 0.39 19.82
O2 EDO J . 8.34 1.55 20.44
C1 EDO K . 13.01 8.19 -19.32
O1 EDO K . 13.58 7.11 -18.57
C2 EDO K . 11.55 7.84 -19.61
O2 EDO K . 10.70 9.01 -19.76
C1 6S6 L . 11.09 0.78 -3.81
C2 6S6 L . 11.43 1.95 -4.71
C3 6S6 L . 10.63 1.88 -6.02
C4 6S6 L . 10.95 0.60 -6.82
C5 6S6 L . 10.71 -0.61 -5.90
C6 6S6 L . 11.45 -0.54 -4.52
C8 6S6 L . 11.04 -1.90 -6.59
C14 6S6 L . 13.49 -1.54 -3.52
C15 6S6 L . 14.89 -2.06 -3.87
C16 6S6 L . 15.28 -3.39 -3.19
C17 6S6 L . 16.70 -3.39 -2.56
C18 6S6 L . 17.18 -4.77 -2.09
C19 6S6 L . 18.43 -5.29 -2.82
C20 6S6 L . 19.13 -6.40 -2.02
C21 6S6 L . 20.57 -6.65 -2.49
N7 6S6 L . 12.91 -0.66 -4.57
O9 6S6 L . 10.13 -2.52 -7.15
O10 6S6 L . 12.21 -2.33 -6.57
O11 6S6 L . 10.13 0.54 -8.02
O12 6S6 L . 10.95 3.01 -6.79
O13 6S6 L . 11.18 3.20 -4.08
N22 6S6 L . 21.46 -7.02 -1.37
N23 6S6 L . 22.62 -6.87 -1.37
N24 6S6 L . 23.79 -6.72 -1.35
#